data_1Y8O
#
_entry.id   1Y8O
#
_cell.length_a   120.752
_cell.length_b   120.752
_cell.length_c   239.153
_cell.angle_alpha   90.00
_cell.angle_beta   90.00
_cell.angle_gamma   120.00
#
_symmetry.space_group_name_H-M   'P 65 2 2'
#
loop_
_entity.id
_entity.type
_entity.pdbx_description
1 polymer '[Pyruvate dehydrogenase [lipoamide]] kinase isozyme 3'
2 polymer 'Dihydrolipoyllysine-residue acetyltransferase component of pyruvate dehydrogenase complex'
3 non-polymer 'MAGNESIUM ION'
4 non-polymer 'POTASSIUM ION'
5 non-polymer "ADENOSINE-5'-DIPHOSPHATE"
6 non-polymer 'DIHYDROLIPOIC ACID'
7 water water
#
loop_
_entity_poly.entity_id
_entity_poly.type
_entity_poly.pdbx_seq_one_letter_code
_entity_poly.pdbx_strand_id
1 'polypeptide(L)'
;GGSHHHHHHGMARLENLYFQGKQPVPKQIERYSRFSPSPLSIKQFLDFGRDNACEKTSYMFLRKELPVRLANTMREVNLL
PDNLLNRPSVGLVQSWYMQSFLELLEYENKSPEDPQVLDNFLQVLIKVRNRHNDVVPTMAQGVIEYKEKFGFDPFISTNI
QYFLDRFYTNRISFRMLINQHTLLFGGDTNPVHPKHIGSIDPTCNVADVVKDAYETAKMLCEQYYLVAPELEVEEFNAKA
PDKPIQVVYVPSHLFHMLFELFKNSMRATVELYEDRKEGYPAVKTLVTLGKEDLSIKISDLGGGVPLRKIDRLFNYMYST
APRPSLEPTRAAPLAGFGYGLPISRLYARYFQGDLKLYSMEGVGTDAVIYLKALSSESFERLPVFNKSAWRHYKTTPEAD
DWSNPSSEPRDASKYKAKQ
;
A
2 'polypeptide(L)'
;GGSHHHHHHGMARLENLYFQGSSYPPHMQVLLPALSPTMTMGTVQRWEKKVGEKLSEGDLLAEIETDKATIGFEVQEEGY
LAKILVPEGTRDVPLGTPLCIIVEKEADISAFADYRPTEVTDLKPQVP
;
B
#
# COMPACT_ATOMS: atom_id res chain seq x y z
N PRO A 26 15.54 -16.55 10.68
CA PRO A 26 14.30 -15.81 10.60
C PRO A 26 13.58 -15.61 11.91
N LYS A 27 14.33 -15.58 12.98
CA LYS A 27 13.85 -15.08 14.27
C LYS A 27 13.81 -13.55 14.22
N GLN A 28 14.79 -12.97 13.52
CA GLN A 28 14.87 -11.53 13.34
C GLN A 28 13.70 -11.05 12.45
N ILE A 29 13.26 -11.92 11.54
CA ILE A 29 12.17 -11.60 10.64
C ILE A 29 10.85 -11.65 11.37
N GLU A 30 10.62 -12.72 12.12
CA GLU A 30 9.44 -12.80 12.97
C GLU A 30 9.29 -11.54 13.82
N ARG A 31 10.37 -11.17 14.49
CA ARG A 31 10.34 -10.01 15.32
C ARG A 31 10.05 -8.75 14.55
N TYR A 32 10.81 -8.48 13.49
CA TYR A 32 10.49 -7.30 12.71
C TYR A 32 9.12 -7.32 12.07
N SER A 33 8.66 -8.51 11.65
CA SER A 33 7.33 -8.62 11.05
C SER A 33 6.24 -8.32 12.05
N ARG A 34 6.54 -8.42 13.36
CA ARG A 34 5.56 -8.13 14.40
C ARG A 34 5.51 -6.63 14.70
N PHE A 35 6.56 -5.89 14.31
CA PHE A 35 6.57 -4.48 14.50
C PHE A 35 5.54 -3.85 13.57
N SER A 36 4.97 -2.73 13.98
CA SER A 36 4.06 -2.05 13.08
C SER A 36 4.79 -1.00 12.21
N PRO A 37 4.48 -0.92 10.93
CA PRO A 37 5.07 0.15 10.10
C PRO A 37 4.65 1.56 10.55
N SER A 38 5.43 2.57 10.19
CA SER A 38 5.16 3.94 10.60
C SER A 38 4.80 4.78 9.35
N PRO A 39 3.50 4.95 9.08
CA PRO A 39 3.12 5.64 7.84
C PRO A 39 3.40 7.13 7.96
N LEU A 40 4.06 7.68 6.95
CA LEU A 40 4.39 9.12 6.90
C LEU A 40 3.44 9.86 5.99
N SER A 41 3.24 11.17 6.24
CA SER A 41 2.42 12.01 5.34
C SER A 41 3.29 12.84 4.37
N ILE A 42 2.71 13.25 3.24
CA ILE A 42 3.41 14.14 2.33
C ILE A 42 3.85 15.37 3.10
N LYS A 43 2.96 15.90 3.93
CA LYS A 43 3.29 17.03 4.79
C LYS A 43 4.57 16.78 5.56
N GLN A 44 4.68 15.63 6.20
CA GLN A 44 5.87 15.30 7.00
C GLN A 44 7.13 15.18 6.15
N PHE A 45 7.03 14.51 5.01
CA PHE A 45 8.17 14.44 4.10
C PHE A 45 8.62 15.85 3.74
N LEU A 46 7.66 16.70 3.42
CA LEU A 46 7.92 18.09 3.03
C LEU A 46 8.48 18.94 4.17
N ASP A 47 7.87 18.85 5.35
CA ASP A 47 8.32 19.61 6.50
C ASP A 47 9.73 19.19 6.90
N PHE A 48 9.99 17.89 6.84
CA PHE A 48 11.30 17.37 7.14
C PHE A 48 12.36 17.86 6.17
N GLY A 49 12.07 17.82 4.87
CA GLY A 49 13.07 18.19 3.87
C GLY A 49 13.30 19.69 3.73
N ARG A 50 12.25 20.48 3.96
CA ARG A 50 12.31 21.92 3.78
C ARG A 50 12.92 22.58 5.00
N ASP A 51 12.35 22.25 6.17
CA ASP A 51 12.59 22.98 7.42
C ASP A 51 13.60 22.31 8.35
N ASN A 52 13.71 20.99 8.27
CA ASN A 52 14.69 20.24 9.08
C ASN A 52 15.90 19.80 8.26
N ALA A 53 15.76 18.63 7.60
CA ALA A 53 16.78 18.06 6.71
C ALA A 53 18.03 17.73 7.51
N CYS A 54 17.79 17.02 8.61
CA CYS A 54 18.82 16.50 9.47
C CYS A 54 19.04 15.04 9.12
N GLU A 55 20.23 14.74 8.63
CA GLU A 55 20.55 13.41 8.17
C GLU A 55 20.49 12.40 9.29
N LYS A 56 21.02 12.76 10.46
CA LYS A 56 20.95 11.90 11.65
C LYS A 56 19.53 11.37 11.78
N THR A 57 18.57 12.30 11.79
CA THR A 57 17.18 11.96 12.08
C THR A 57 16.69 10.95 11.08
N SER A 58 17.02 11.18 9.81
CA SER A 58 16.57 10.31 8.73
C SER A 58 17.16 8.90 8.82
N TYR A 59 18.44 8.82 9.14
CA TYR A 59 19.11 7.55 9.42
C TYR A 59 18.43 6.77 10.58
N MET A 60 18.20 7.42 11.72
CA MET A 60 17.56 6.77 12.88
C MET A 60 16.18 6.23 12.49
N PHE A 61 15.45 6.98 11.69
CA PHE A 61 14.18 6.50 11.20
C PHE A 61 14.40 5.30 10.26
N LEU A 62 15.15 5.52 9.18
CA LEU A 62 15.20 4.51 8.12
C LEU A 62 15.87 3.17 8.54
N ARG A 63 16.93 3.24 9.32
CA ARG A 63 17.67 2.03 9.71
C ARG A 63 16.69 1.07 10.38
N LYS A 64 15.66 1.63 11.01
CA LYS A 64 14.64 0.79 11.60
C LYS A 64 13.45 0.54 10.69
N GLU A 65 12.97 1.57 9.98
CA GLU A 65 11.70 1.46 9.28
C GLU A 65 11.81 0.52 8.07
N LEU A 66 12.95 0.53 7.41
CA LEU A 66 13.12 -0.30 6.23
C LEU A 66 13.08 -1.82 6.53
N PRO A 67 13.84 -2.30 7.54
CA PRO A 67 13.71 -3.69 7.96
C PRO A 67 12.29 -4.02 8.47
N VAL A 68 11.61 -3.09 9.13
CA VAL A 68 10.25 -3.38 9.55
C VAL A 68 9.44 -3.67 8.28
N ARG A 69 9.57 -2.83 7.25
CA ARG A 69 8.69 -2.95 6.08
C ARG A 69 8.98 -4.20 5.25
N LEU A 70 10.27 -4.48 5.05
CA LEU A 70 10.71 -5.72 4.43
C LEU A 70 10.17 -6.94 5.16
N ALA A 71 10.31 -6.97 6.48
CA ALA A 71 9.92 -8.15 7.25
C ALA A 71 8.42 -8.41 7.22
N ASN A 72 7.64 -7.32 7.21
CA ASN A 72 6.22 -7.44 7.06
C ASN A 72 5.82 -8.14 5.76
N THR A 73 6.44 -7.73 4.66
CA THR A 73 6.26 -8.37 3.38
C THR A 73 6.77 -9.82 3.33
N MET A 74 8.01 -10.04 3.78
CA MET A 74 8.59 -11.41 3.70
C MET A 74 7.74 -12.45 4.35
N ARG A 75 7.13 -12.10 5.46
CA ARG A 75 6.26 -12.97 6.22
C ARG A 75 5.04 -13.38 5.38
N GLU A 76 4.54 -12.43 4.60
CA GLU A 76 3.44 -12.66 3.70
C GLU A 76 3.84 -13.48 2.50
N VAL A 77 5.03 -13.25 1.94
CA VAL A 77 5.44 -14.10 0.83
C VAL A 77 5.57 -15.56 1.27
N ASN A 78 5.97 -15.78 2.52
CA ASN A 78 6.02 -17.12 3.08
C ASN A 78 4.69 -17.82 3.22
N LEU A 79 3.59 -17.05 3.23
CA LEU A 79 2.25 -17.62 3.37
C LEU A 79 1.60 -17.96 2.01
N LEU A 80 2.28 -17.65 0.91
CA LEU A 80 1.80 -17.98 -0.42
C LEU A 80 1.60 -19.49 -0.59
N PRO A 81 0.66 -19.91 -1.45
CA PRO A 81 0.62 -21.35 -1.79
C PRO A 81 1.99 -21.91 -2.20
N ASP A 82 2.25 -23.16 -1.83
CA ASP A 82 3.55 -23.77 -2.06
C ASP A 82 3.93 -23.84 -3.54
N ASN A 83 2.97 -24.14 -4.40
CA ASN A 83 3.17 -24.18 -5.85
C ASN A 83 3.72 -22.86 -6.41
N LEU A 84 3.23 -21.74 -5.85
CA LEU A 84 3.75 -20.41 -6.17
C LEU A 84 5.09 -20.08 -5.45
N LEU A 85 5.15 -20.34 -4.14
CA LEU A 85 6.38 -20.17 -3.38
C LEU A 85 7.58 -20.85 -4.01
N ASN A 86 7.34 -22.00 -4.66
CA ASN A 86 8.36 -22.83 -5.31
C ASN A 86 8.98 -22.25 -6.57
N ARG A 87 8.31 -21.29 -7.20
CA ARG A 87 8.81 -20.75 -8.45
C ARG A 87 10.12 -20.03 -8.22
N PRO A 88 11.15 -20.34 -9.04
CA PRO A 88 12.47 -19.70 -8.93
C PRO A 88 12.38 -18.18 -8.81
N SER A 89 11.43 -17.57 -9.51
CA SER A 89 11.27 -16.13 -9.46
C SER A 89 10.90 -15.66 -8.05
N VAL A 90 9.96 -16.34 -7.41
CA VAL A 90 9.57 -15.99 -6.05
C VAL A 90 10.74 -16.22 -5.06
N GLY A 91 11.40 -17.38 -5.15
CA GLY A 91 12.57 -17.66 -4.32
C GLY A 91 13.67 -16.62 -4.50
N LEU A 92 13.80 -16.08 -5.71
CA LEU A 92 14.84 -15.09 -6.00
C LEU A 92 14.49 -13.76 -5.32
N VAL A 93 13.22 -13.37 -5.41
CA VAL A 93 12.73 -12.18 -4.71
C VAL A 93 12.98 -12.29 -3.21
N GLN A 94 12.59 -13.42 -2.62
CA GLN A 94 12.79 -13.63 -1.20
C GLN A 94 14.23 -13.43 -0.80
N SER A 95 15.14 -13.97 -1.59
CA SER A 95 16.53 -13.87 -1.19
C SER A 95 17.10 -12.46 -1.41
N TRP A 96 16.55 -11.71 -2.37
CA TRP A 96 16.90 -10.30 -2.50
C TRP A 96 16.47 -9.52 -1.24
N TYR A 97 15.22 -9.72 -0.85
CA TYR A 97 14.69 -9.12 0.36
C TYR A 97 15.50 -9.51 1.60
N MET A 98 15.87 -10.80 1.70
CA MET A 98 16.65 -11.24 2.84
C MET A 98 17.98 -10.52 2.84
N GLN A 99 18.64 -10.52 1.70
CA GLN A 99 19.92 -9.84 1.58
C GLN A 99 19.81 -8.38 2.01
N SER A 100 18.74 -7.69 1.59
CA SER A 100 18.58 -6.29 1.94
C SER A 100 18.36 -6.09 3.44
N PHE A 101 17.43 -6.89 3.99
CA PHE A 101 17.11 -6.91 5.40
C PHE A 101 18.38 -7.04 6.21
N LEU A 102 19.19 -8.05 5.90
CA LEU A 102 20.39 -8.31 6.67
C LEU A 102 21.39 -7.15 6.58
N GLU A 103 21.56 -6.60 5.37
CA GLU A 103 22.46 -5.46 5.18
C GLU A 103 22.03 -4.23 5.98
N LEU A 104 20.73 -4.01 6.11
CA LEU A 104 20.24 -2.87 6.90
C LEU A 104 20.32 -3.10 8.41
N LEU A 105 20.22 -4.36 8.81
CA LEU A 105 20.27 -4.68 10.21
C LEU A 105 21.67 -4.41 10.78
N GLU A 106 22.71 -4.29 9.93
CA GLU A 106 24.07 -3.99 10.42
C GLU A 106 24.05 -2.66 11.15
N TYR A 107 23.15 -1.78 10.72
CA TYR A 107 23.12 -0.40 11.21
C TYR A 107 22.36 -0.16 12.53
N GLU A 108 21.72 -1.20 13.08
CA GLU A 108 21.00 -1.05 14.37
C GLU A 108 21.88 -0.56 15.55
N ASN A 109 23.16 -0.93 15.57
CA ASN A 109 23.98 -0.47 16.68
C ASN A 109 25.11 0.49 16.28
N LYS A 110 24.93 1.21 15.17
CA LYS A 110 26.01 2.06 14.69
C LYS A 110 25.64 3.53 14.84
N SER A 111 26.45 4.23 15.62
CA SER A 111 26.16 5.60 15.98
C SER A 111 26.10 6.53 14.77
N PRO A 112 25.05 7.37 14.71
CA PRO A 112 24.96 8.53 13.81
C PRO A 112 26.08 9.57 14.03
N GLU A 113 26.58 9.69 15.26
CA GLU A 113 27.55 10.74 15.62
C GLU A 113 28.88 10.51 14.92
N ASP A 114 28.82 9.67 13.88
CA ASP A 114 29.97 9.32 13.09
C ASP A 114 29.62 9.60 11.64
N PRO A 115 30.21 10.65 11.03
CA PRO A 115 29.94 11.00 9.62
C PRO A 115 30.28 9.82 8.68
N GLN A 116 31.15 8.92 9.25
CA GLN A 116 31.58 7.70 8.51
C GLN A 116 30.45 6.69 8.31
N VAL A 117 29.78 6.33 9.41
CA VAL A 117 28.57 5.48 9.36
C VAL A 117 27.57 6.06 8.37
N LEU A 118 27.22 7.32 8.59
CA LEU A 118 26.28 8.07 7.74
C LEU A 118 26.53 7.85 6.24
N ASP A 119 27.81 7.87 5.85
CA ASP A 119 28.12 7.78 4.43
C ASP A 119 27.94 6.36 3.90
N ASN A 120 28.28 5.37 4.70
CA ASN A 120 28.17 3.98 4.27
C ASN A 120 26.71 3.56 4.18
N PHE A 121 25.90 4.06 5.11
CA PHE A 121 24.49 3.76 5.13
C PHE A 121 23.87 4.22 3.81
N LEU A 122 24.26 5.42 3.37
CA LEU A 122 23.78 5.94 2.10
C LEU A 122 24.11 4.99 0.94
N GLN A 123 25.35 4.49 0.91
CA GLN A 123 25.79 3.56 -0.14
C GLN A 123 24.95 2.27 -0.11
N VAL A 124 24.66 1.81 1.10
CA VAL A 124 23.80 0.68 1.33
C VAL A 124 22.43 0.94 0.67
N LEU A 125 21.86 2.12 0.87
CA LEU A 125 20.57 2.42 0.25
C LEU A 125 20.61 2.34 -1.28
N ILE A 126 21.67 2.89 -1.88
CA ILE A 126 21.87 2.82 -3.32
C ILE A 126 21.89 1.37 -3.77
N LYS A 127 22.73 0.57 -3.11
CA LYS A 127 22.85 -0.86 -3.34
C LYS A 127 21.50 -1.60 -3.25
N VAL A 128 20.69 -1.35 -2.21
CA VAL A 128 19.44 -2.11 -2.10
C VAL A 128 18.41 -1.65 -3.13
N ARG A 129 18.42 -0.36 -3.44
CA ARG A 129 17.61 0.16 -4.52
C ARG A 129 17.98 -0.53 -5.83
N ASN A 130 19.27 -0.71 -6.06
CA ASN A 130 19.71 -1.37 -7.28
C ASN A 130 19.30 -2.83 -7.33
N ARG A 131 19.51 -3.52 -6.21
CA ARG A 131 19.19 -4.92 -6.08
C ARG A 131 17.71 -5.15 -6.34
N HIS A 132 16.89 -4.19 -5.91
CA HIS A 132 15.43 -4.27 -6.04
C HIS A 132 14.84 -3.82 -7.39
N ASN A 133 15.69 -3.36 -8.31
CA ASN A 133 15.20 -2.83 -9.61
C ASN A 133 14.29 -3.72 -10.41
N ASP A 134 14.50 -5.03 -10.34
CA ASP A 134 13.75 -5.96 -11.16
C ASP A 134 12.65 -6.69 -10.41
N VAL A 135 12.42 -6.30 -9.17
CA VAL A 135 11.48 -6.98 -8.29
C VAL A 135 10.09 -7.15 -8.93
N VAL A 136 9.55 -6.06 -9.46
CA VAL A 136 8.24 -6.09 -10.10
C VAL A 136 8.15 -7.12 -11.26
N PRO A 137 8.99 -6.97 -12.30
CA PRO A 137 8.96 -7.98 -13.38
C PRO A 137 9.26 -9.41 -12.90
N THR A 138 10.23 -9.58 -12.01
CA THR A 138 10.57 -10.90 -11.44
C THR A 138 9.39 -11.55 -10.71
N MET A 139 8.68 -10.77 -9.90
CA MET A 139 7.52 -11.32 -9.22
C MET A 139 6.42 -11.66 -10.21
N ALA A 140 6.20 -10.73 -11.15
CA ALA A 140 5.20 -10.96 -12.18
C ALA A 140 5.51 -12.26 -12.86
N GLN A 141 6.78 -12.44 -13.18
CA GLN A 141 7.24 -13.65 -13.88
C GLN A 141 6.81 -14.89 -13.09
N GLY A 142 7.12 -14.86 -11.80
CA GLY A 142 6.74 -15.91 -10.89
C GLY A 142 5.28 -16.27 -10.94
N VAL A 143 4.39 -15.29 -10.79
CA VAL A 143 2.97 -15.61 -10.85
C VAL A 143 2.53 -16.05 -12.26
N ILE A 144 3.24 -15.58 -13.30
CA ILE A 144 2.90 -16.01 -14.64
C ILE A 144 3.27 -17.48 -14.80
N GLU A 145 4.48 -17.83 -14.34
CA GLU A 145 4.98 -19.21 -14.32
C GLU A 145 3.96 -20.10 -13.62
N TYR A 146 3.48 -19.64 -12.47
CA TYR A 146 2.56 -20.39 -11.62
C TYR A 146 1.17 -20.58 -12.24
N LYS A 147 0.64 -19.52 -12.85
CA LYS A 147 -0.65 -19.59 -13.53
C LYS A 147 -0.62 -20.55 -14.73
N GLU A 148 0.41 -20.43 -15.56
CA GLU A 148 0.54 -21.25 -16.74
C GLU A 148 0.81 -22.72 -16.40
N LYS A 149 1.29 -22.99 -15.19
CA LYS A 149 1.68 -24.35 -14.82
C LYS A 149 0.65 -25.06 -13.92
N PHE A 150 -0.23 -24.30 -13.27
CA PHE A 150 -1.19 -24.90 -12.34
C PHE A 150 -2.66 -24.50 -12.54
N GLY A 151 -2.94 -23.70 -13.56
CA GLY A 151 -4.31 -23.27 -13.85
C GLY A 151 -4.84 -22.17 -12.96
N PHE A 152 -5.87 -21.49 -13.45
CA PHE A 152 -6.50 -20.32 -12.78
C PHE A 152 -7.63 -20.76 -11.81
N ASP A 153 -7.48 -20.39 -10.54
CA ASP A 153 -8.41 -20.81 -9.48
C ASP A 153 -8.94 -19.65 -8.61
N PRO A 154 -10.27 -19.37 -8.68
CA PRO A 154 -11.03 -18.32 -7.98
C PRO A 154 -10.55 -17.97 -6.56
N PHE A 155 -10.66 -18.89 -5.60
CA PHE A 155 -10.24 -18.58 -4.24
C PHE A 155 -8.73 -18.29 -4.13
N ILE A 156 -7.92 -18.95 -4.95
CA ILE A 156 -6.48 -18.66 -4.97
C ILE A 156 -6.20 -17.32 -5.70
N SER A 157 -6.92 -17.09 -6.80
CA SER A 157 -6.81 -15.83 -7.54
C SER A 157 -6.94 -14.60 -6.62
N THR A 158 -7.99 -14.58 -5.79
CA THR A 158 -8.26 -13.41 -4.99
C THR A 158 -7.18 -13.27 -3.92
N ASN A 159 -6.70 -14.41 -3.48
CA ASN A 159 -5.53 -14.47 -2.62
C ASN A 159 -4.27 -13.82 -3.19
N ILE A 160 -3.99 -14.11 -4.46
CA ILE A 160 -2.81 -13.57 -5.11
C ILE A 160 -2.97 -12.06 -5.32
N GLN A 161 -4.19 -11.67 -5.66
CA GLN A 161 -4.53 -10.31 -5.80
C GLN A 161 -4.23 -9.53 -4.52
N TYR A 162 -4.80 -10.03 -3.42
CA TYR A 162 -4.55 -9.50 -2.10
C TYR A 162 -3.03 -9.37 -1.87
N PHE A 163 -2.30 -10.44 -2.20
CA PHE A 163 -0.87 -10.44 -1.95
C PHE A 163 -0.14 -9.37 -2.77
N LEU A 164 -0.40 -9.34 -4.07
CA LEU A 164 0.30 -8.46 -5.01
C LEU A 164 0.03 -6.97 -4.70
N ASP A 165 -1.23 -6.61 -4.44
CA ASP A 165 -1.51 -5.25 -3.98
C ASP A 165 -0.61 -4.83 -2.83
N ARG A 166 -0.44 -5.73 -1.86
CA ARG A 166 0.26 -5.40 -0.62
C ARG A 166 1.72 -5.38 -0.94
N PHE A 167 2.16 -6.38 -1.67
CA PHE A 167 3.57 -6.52 -1.96
C PHE A 167 4.06 -5.33 -2.82
N TYR A 168 3.32 -4.99 -3.88
CA TYR A 168 3.71 -3.87 -4.72
C TYR A 168 3.59 -2.50 -4.03
N THR A 169 2.57 -2.31 -3.19
CA THR A 169 2.54 -1.08 -2.40
C THR A 169 3.75 -0.94 -1.47
N ASN A 170 4.07 -2.00 -0.74
CA ASN A 170 5.27 -1.90 0.05
C ASN A 170 6.49 -1.56 -0.78
N ARG A 171 6.62 -2.15 -1.97
CA ARG A 171 7.77 -1.88 -2.79
C ARG A 171 7.80 -0.39 -3.16
N ILE A 172 6.64 0.15 -3.59
CA ILE A 172 6.51 1.59 -3.82
C ILE A 172 6.95 2.44 -2.58
N SER A 173 6.51 2.07 -1.39
CA SER A 173 6.81 2.88 -0.22
C SER A 173 8.29 2.78 0.10
N PHE A 174 8.84 1.62 -0.18
CA PHE A 174 10.23 1.39 0.02
C PHE A 174 11.07 2.33 -0.82
N ARG A 175 10.72 2.42 -2.09
CA ARG A 175 11.41 3.29 -3.03
C ARG A 175 11.16 4.77 -2.67
N MET A 176 9.97 5.09 -2.19
CA MET A 176 9.72 6.45 -1.69
C MET A 176 10.74 6.84 -0.60
N LEU A 177 10.86 6.01 0.44
CA LEU A 177 11.73 6.35 1.57
C LEU A 177 13.16 6.46 1.12
N ILE A 178 13.63 5.51 0.31
CA ILE A 178 15.02 5.52 -0.12
C ILE A 178 15.36 6.73 -0.95
N ASN A 179 14.50 7.05 -1.91
CA ASN A 179 14.66 8.24 -2.74
C ASN A 179 14.75 9.54 -1.95
N GLN A 180 13.93 9.70 -0.89
CA GLN A 180 13.97 10.94 -0.11
C GLN A 180 15.33 11.10 0.55
N HIS A 181 15.82 10.02 1.12
CA HIS A 181 17.09 10.08 1.81
C HIS A 181 18.25 10.30 0.83
N THR A 182 18.25 9.56 -0.28
CA THR A 182 19.36 9.71 -1.23
C THR A 182 19.28 11.07 -1.90
N LEU A 183 18.08 11.52 -2.23
CA LEU A 183 17.97 12.82 -2.87
C LEU A 183 18.35 13.92 -1.91
N LEU A 184 18.03 13.77 -0.63
CA LEU A 184 18.34 14.84 0.32
C LEU A 184 19.78 14.88 0.80
N PHE A 185 20.43 13.73 0.88
CA PHE A 185 21.74 13.66 1.51
C PHE A 185 22.81 13.09 0.61
N GLY A 186 22.40 12.58 -0.55
CA GLY A 186 23.33 12.08 -1.55
C GLY A 186 24.35 13.12 -1.96
N GLY A 187 24.12 14.37 -1.50
CA GLY A 187 25.04 15.48 -1.71
C GLY A 187 25.22 15.83 -3.16
N ASP A 188 24.16 15.67 -3.96
CA ASP A 188 24.23 15.90 -5.40
C ASP A 188 24.37 17.37 -5.73
N THR A 189 25.39 17.67 -6.53
CA THR A 189 25.78 19.03 -6.91
C THR A 189 24.80 19.69 -7.88
N ASN A 190 24.22 18.87 -8.77
CA ASN A 190 23.42 19.35 -9.90
C ASN A 190 22.05 18.65 -9.92
N PRO A 191 21.16 18.96 -8.95
CA PRO A 191 19.90 18.18 -8.89
C PRO A 191 19.01 18.44 -10.11
N VAL A 192 18.50 17.36 -10.69
CA VAL A 192 17.58 17.43 -11.85
C VAL A 192 16.41 18.40 -11.58
N HIS A 193 15.78 18.30 -10.41
CA HIS A 193 14.61 19.11 -10.10
C HIS A 193 14.87 19.97 -8.85
N PRO A 194 15.63 21.06 -9.00
CA PRO A 194 16.26 21.78 -7.87
C PRO A 194 15.29 22.43 -6.88
N LYS A 195 14.06 22.68 -7.32
CA LYS A 195 13.10 23.37 -6.45
C LYS A 195 12.19 22.40 -5.68
N HIS A 196 12.31 21.11 -6.01
CA HIS A 196 11.60 20.00 -5.36
C HIS A 196 12.22 19.66 -4.01
N ILE A 197 11.48 18.93 -3.17
CA ILE A 197 12.02 18.45 -1.90
C ILE A 197 12.15 16.95 -2.00
N GLY A 198 13.37 16.49 -2.24
CA GLY A 198 13.56 15.13 -2.68
C GLY A 198 12.76 14.94 -3.95
N SER A 199 11.82 14.00 -3.91
CA SER A 199 11.02 13.73 -5.09
C SER A 199 9.62 14.37 -5.00
N ILE A 200 9.44 15.25 -4.01
CA ILE A 200 8.15 15.94 -3.82
C ILE A 200 8.16 17.34 -4.41
N ASP A 201 7.20 17.61 -5.29
CA ASP A 201 7.06 18.92 -5.87
C ASP A 201 6.00 19.65 -5.05
N PRO A 202 6.41 20.68 -4.31
CA PRO A 202 5.45 21.45 -3.50
C PRO A 202 4.46 22.27 -4.34
N THR A 203 4.73 22.44 -5.63
CA THR A 203 3.80 23.18 -6.48
C THR A 203 3.64 22.45 -7.80
N CYS A 204 3.17 21.22 -7.73
CA CYS A 204 3.00 20.42 -8.92
C CYS A 204 1.78 20.89 -9.70
N ASN A 205 2.03 21.40 -10.90
CA ASN A 205 0.99 21.86 -11.79
C ASN A 205 0.40 20.63 -12.47
N VAL A 206 -0.83 20.27 -12.11
CA VAL A 206 -1.45 19.03 -12.55
C VAL A 206 -1.59 18.95 -14.08
N ALA A 207 -2.09 20.01 -14.68
CA ALA A 207 -2.28 20.02 -16.14
C ALA A 207 -0.97 19.75 -16.89
N ASP A 208 0.14 20.32 -16.42
CA ASP A 208 1.43 20.09 -17.07
C ASP A 208 1.78 18.61 -17.06
N VAL A 209 1.55 17.93 -15.92
CA VAL A 209 1.81 16.49 -15.84
C VAL A 209 0.84 15.71 -16.72
N VAL A 210 -0.42 16.18 -16.80
CA VAL A 210 -1.38 15.60 -17.72
C VAL A 210 -0.87 15.70 -19.19
N LYS A 211 -0.41 16.87 -19.60
CA LYS A 211 0.03 17.06 -20.98
C LYS A 211 1.25 16.15 -21.28
N ASP A 212 2.23 16.14 -20.37
CA ASP A 212 3.42 15.32 -20.52
C ASP A 212 3.07 13.83 -20.63
N ALA A 213 2.17 13.35 -19.77
CA ALA A 213 1.77 11.95 -19.80
C ALA A 213 1.05 11.64 -21.11
N TYR A 214 0.21 12.57 -21.54
CA TYR A 214 -0.48 12.43 -22.81
C TYR A 214 0.52 12.30 -23.93
N GLU A 215 1.44 13.26 -24.01
CA GLU A 215 2.38 13.29 -25.12
C GLU A 215 3.19 12.01 -25.21
N THR A 216 3.55 11.44 -24.08
CA THR A 216 4.39 10.27 -24.17
C THR A 216 3.57 9.02 -24.54
N ALA A 217 2.31 8.96 -24.13
CA ALA A 217 1.41 7.92 -24.68
C ALA A 217 1.13 8.11 -26.19
N LYS A 218 0.80 9.34 -26.58
CA LYS A 218 0.54 9.70 -27.97
C LYS A 218 1.63 9.19 -28.87
N MET A 219 2.86 9.46 -28.46
CA MET A 219 4.04 9.00 -29.17
C MET A 219 4.04 7.49 -29.39
N LEU A 220 3.73 6.71 -28.36
CA LEU A 220 3.81 5.26 -28.49
C LEU A 220 2.65 4.75 -29.34
N CYS A 221 1.53 5.43 -29.23
CA CYS A 221 0.33 5.09 -29.96
C CYS A 221 0.47 5.42 -31.46
N GLU A 222 0.96 6.62 -31.77
CA GLU A 222 1.30 7.00 -33.16
C GLU A 222 2.29 6.03 -33.77
N GLN A 223 3.27 5.58 -33.00
CA GLN A 223 4.29 4.70 -33.54
C GLN A 223 3.67 3.45 -34.11
N TYR A 224 2.71 2.87 -33.42
CA TYR A 224 2.19 1.58 -33.82
C TYR A 224 0.92 1.66 -34.68
N TYR A 225 0.04 2.60 -34.35
CA TYR A 225 -1.23 2.77 -35.06
C TYR A 225 -1.20 3.84 -36.15
N LEU A 226 -0.13 4.63 -36.19
CA LEU A 226 0.05 5.70 -37.16
C LEU A 226 -0.98 6.82 -37.02
N VAL A 227 -1.55 6.99 -35.84
CA VAL A 227 -2.58 7.99 -35.56
C VAL A 227 -2.82 7.93 -34.05
N ALA A 228 -3.37 9.00 -33.48
CA ALA A 228 -3.62 9.09 -32.04
C ALA A 228 -4.63 10.19 -31.76
N PRO A 229 -5.55 9.96 -30.82
CA PRO A 229 -6.47 11.10 -30.58
C PRO A 229 -5.75 12.29 -29.95
N GLU A 230 -6.34 13.47 -30.13
CA GLU A 230 -5.94 14.70 -29.47
C GLU A 230 -6.41 14.68 -28.01
N LEU A 231 -5.69 15.43 -27.19
CA LEU A 231 -6.05 15.75 -25.83
C LEU A 231 -6.84 17.05 -25.81
N GLU A 232 -7.89 17.09 -25.01
CA GLU A 232 -8.52 18.34 -24.51
C GLU A 232 -8.50 18.31 -22.97
N VAL A 233 -8.11 19.43 -22.36
CA VAL A 233 -7.96 19.56 -20.92
C VAL A 233 -8.83 20.70 -20.45
N GLU A 234 -9.73 20.46 -19.50
CA GLU A 234 -10.45 21.53 -18.80
C GLU A 234 -10.04 21.46 -17.32
N GLU A 235 -10.10 22.60 -16.62
CA GLU A 235 -9.87 22.68 -15.18
C GLU A 235 -11.06 23.36 -14.50
N PHE A 236 -11.33 23.01 -13.26
CA PHE A 236 -12.19 23.83 -12.43
C PHE A 236 -11.66 23.87 -11.02
N ASN A 237 -11.06 24.98 -10.66
CA ASN A 237 -10.51 25.17 -9.32
C ASN A 237 -11.56 25.82 -8.39
N ALA A 238 -12.42 25.02 -7.76
CA ALA A 238 -13.49 25.57 -6.89
C ALA A 238 -12.89 26.32 -5.72
N LYS A 239 -11.75 25.82 -5.24
CA LYS A 239 -10.97 26.46 -4.20
C LYS A 239 -10.74 27.96 -4.48
N ALA A 240 -10.53 28.30 -5.78
CA ALA A 240 -10.18 29.67 -6.30
C ALA A 240 -10.22 29.69 -7.86
N PRO A 241 -11.39 29.97 -8.45
CA PRO A 241 -11.78 29.64 -9.84
C PRO A 241 -10.88 29.94 -11.05
N ASP A 242 -9.96 30.88 -10.97
CA ASP A 242 -9.11 31.09 -12.14
C ASP A 242 -7.71 30.51 -12.08
N LYS A 243 -7.26 30.11 -10.89
CA LYS A 243 -5.87 29.71 -10.71
C LYS A 243 -5.60 28.32 -11.22
N PRO A 244 -4.48 28.15 -11.94
CA PRO A 244 -3.98 26.82 -12.34
C PRO A 244 -4.02 25.84 -11.17
N ILE A 245 -4.48 24.61 -11.40
CA ILE A 245 -4.57 23.70 -10.28
C ILE A 245 -3.18 23.17 -9.92
N GLN A 246 -2.79 23.40 -8.68
CA GLN A 246 -1.53 22.90 -8.14
C GLN A 246 -1.78 22.09 -6.90
N VAL A 247 -0.94 21.08 -6.70
CA VAL A 247 -1.00 20.17 -5.55
C VAL A 247 0.44 19.88 -5.05
N VAL A 248 0.56 19.53 -3.76
CA VAL A 248 1.81 19.01 -3.22
C VAL A 248 1.82 17.49 -3.46
N TYR A 249 2.77 17.00 -4.27
CA TYR A 249 2.75 15.61 -4.70
C TYR A 249 4.06 15.09 -5.29
N VAL A 250 4.10 13.78 -5.55
CA VAL A 250 5.26 13.20 -6.20
C VAL A 250 4.93 13.12 -7.69
N PRO A 251 5.59 13.93 -8.53
CA PRO A 251 5.11 14.02 -9.93
C PRO A 251 5.26 12.72 -10.69
N SER A 252 6.25 11.93 -10.35
CA SER A 252 6.50 10.71 -11.09
C SER A 252 5.35 9.71 -10.87
N HIS A 253 4.78 9.67 -9.66
CA HIS A 253 3.60 8.85 -9.37
C HIS A 253 2.40 9.28 -10.19
N LEU A 254 2.15 10.58 -10.23
CA LEU A 254 0.97 11.04 -10.91
C LEU A 254 1.16 10.78 -12.42
N PHE A 255 2.37 11.03 -12.90
CA PHE A 255 2.72 10.75 -14.27
C PHE A 255 2.41 9.31 -14.66
N HIS A 256 2.92 8.35 -13.87
CA HIS A 256 2.67 6.94 -14.11
C HIS A 256 1.15 6.60 -14.26
N MET A 257 0.33 7.09 -13.34
CA MET A 257 -1.10 6.88 -13.41
C MET A 257 -1.71 7.40 -14.72
N LEU A 258 -1.38 8.65 -15.08
CA LEU A 258 -1.98 9.33 -16.22
C LEU A 258 -1.58 8.61 -17.51
N PHE A 259 -0.30 8.27 -17.60
CA PHE A 259 0.25 7.62 -18.77
C PHE A 259 -0.48 6.28 -19.02
N GLU A 260 -0.66 5.52 -17.96
CA GLU A 260 -1.36 4.28 -18.11
C GLU A 260 -2.82 4.45 -18.58
N LEU A 261 -3.55 5.41 -18.04
CA LEU A 261 -4.93 5.61 -18.45
C LEU A 261 -5.01 6.18 -19.90
N PHE A 262 -4.05 7.03 -20.26
CA PHE A 262 -4.08 7.67 -21.55
C PHE A 262 -3.80 6.60 -22.60
N LYS A 263 -2.83 5.77 -22.29
CA LYS A 263 -2.54 4.67 -23.19
C LYS A 263 -3.76 3.78 -23.42
N ASN A 264 -4.50 3.42 -22.38
CA ASN A 264 -5.71 2.61 -22.53
C ASN A 264 -6.77 3.32 -23.36
N SER A 265 -6.95 4.60 -23.12
CA SER A 265 -7.94 5.39 -23.78
C SER A 265 -7.64 5.54 -25.27
N MET A 266 -6.38 5.81 -25.60
CA MET A 266 -5.92 5.94 -26.95
C MET A 266 -6.07 4.64 -27.74
N ARG A 267 -5.59 3.52 -27.19
CA ARG A 267 -5.77 2.20 -27.80
C ARG A 267 -7.24 1.92 -28.10
N ALA A 268 -8.11 2.08 -27.11
CA ALA A 268 -9.53 1.81 -27.33
C ALA A 268 -10.14 2.74 -28.40
N THR A 269 -9.85 4.03 -28.31
CA THR A 269 -10.34 5.00 -29.30
C THR A 269 -9.88 4.65 -30.73
N VAL A 270 -8.60 4.48 -30.91
CA VAL A 270 -8.05 4.17 -32.20
C VAL A 270 -8.50 2.80 -32.69
N GLU A 271 -8.62 1.80 -31.81
CA GLU A 271 -9.12 0.52 -32.30
C GLU A 271 -10.58 0.55 -32.78
N LEU A 272 -11.41 1.31 -32.09
CA LEU A 272 -12.80 1.47 -32.46
C LEU A 272 -12.98 2.17 -33.82
N TYR A 273 -12.21 3.22 -34.08
CA TYR A 273 -12.44 4.06 -35.28
C TYR A 273 -11.55 3.68 -36.42
N GLU A 274 -10.77 2.61 -36.29
CA GLU A 274 -9.86 2.24 -37.35
C GLU A 274 -10.59 1.82 -38.62
N ASP A 275 -11.88 1.46 -38.52
CA ASP A 275 -12.69 1.04 -39.69
C ASP A 275 -13.93 1.90 -39.90
N ARG A 276 -13.94 3.06 -39.23
CA ARG A 276 -15.02 4.02 -39.33
C ARG A 276 -14.61 5.22 -40.16
N LYS A 277 -15.62 5.94 -40.63
CA LYS A 277 -15.39 7.16 -41.38
C LYS A 277 -15.51 8.41 -40.54
N GLU A 278 -15.89 8.24 -39.27
CA GLU A 278 -16.32 9.37 -38.45
C GLU A 278 -15.20 10.36 -38.09
N GLY A 279 -13.97 9.89 -37.94
CA GLY A 279 -12.95 10.80 -37.44
C GLY A 279 -12.82 10.62 -35.94
N TYR A 280 -11.61 10.68 -35.43
CA TYR A 280 -11.34 10.22 -34.08
C TYR A 280 -11.82 11.20 -33.01
N PRO A 281 -12.60 10.73 -32.03
CA PRO A 281 -12.93 11.68 -30.96
C PRO A 281 -11.70 11.95 -30.06
N ALA A 282 -11.63 13.14 -29.50
CA ALA A 282 -10.60 13.51 -28.58
C ALA A 282 -10.65 12.63 -27.32
N VAL A 283 -9.57 12.65 -26.56
CA VAL A 283 -9.57 12.12 -25.20
C VAL A 283 -9.64 13.34 -24.29
N LYS A 284 -10.65 13.38 -23.42
CA LYS A 284 -10.92 14.55 -22.60
C LYS A 284 -10.45 14.40 -21.15
N THR A 285 -9.91 15.48 -20.61
CA THR A 285 -9.49 15.49 -19.24
C THR A 285 -10.05 16.66 -18.53
N LEU A 286 -10.77 16.36 -17.46
CA LEU A 286 -11.24 17.36 -16.50
C LEU A 286 -10.43 17.24 -15.20
N VAL A 287 -9.76 18.32 -14.79
CA VAL A 287 -9.08 18.38 -13.51
C VAL A 287 -9.85 19.29 -12.58
N THR A 288 -10.24 18.78 -11.40
CA THR A 288 -11.04 19.61 -10.50
C THR A 288 -10.40 19.70 -9.11
N LEU A 289 -10.57 20.82 -8.41
CA LEU A 289 -10.05 20.91 -7.04
C LEU A 289 -11.11 21.41 -6.05
N GLY A 290 -11.48 20.56 -5.08
CA GLY A 290 -12.45 20.93 -4.02
C GLY A 290 -11.79 21.13 -2.67
N LYS A 291 -12.58 21.23 -1.59
CA LYS A 291 -12.00 21.33 -0.25
C LYS A 291 -11.14 20.12 0.08
N GLU A 292 -11.54 18.89 -0.30
CA GLU A 292 -10.76 17.68 0.02
C GLU A 292 -10.11 16.99 -1.17
N ASP A 293 -10.76 17.04 -2.33
CA ASP A 293 -10.31 16.19 -3.42
C ASP A 293 -9.70 16.97 -4.57
N LEU A 294 -8.58 16.46 -5.05
CA LEU A 294 -8.15 16.73 -6.39
C LEU A 294 -8.63 15.57 -7.27
N SER A 295 -9.42 15.82 -8.29
CA SER A 295 -9.93 14.72 -9.13
C SER A 295 -9.54 14.94 -10.55
N ILE A 296 -9.19 13.85 -11.24
CA ILE A 296 -8.78 13.89 -12.62
C ILE A 296 -9.58 12.86 -13.40
N LYS A 297 -10.42 13.32 -14.33
CA LYS A 297 -11.26 12.38 -15.06
C LYS A 297 -10.80 12.38 -16.52
N ILE A 298 -10.38 11.20 -16.97
CA ILE A 298 -10.08 10.92 -18.35
C ILE A 298 -11.27 10.16 -19.00
N SER A 299 -11.90 10.81 -19.96
CA SER A 299 -13.03 10.25 -20.69
C SER A 299 -12.65 9.97 -22.11
N ASP A 300 -13.03 8.80 -22.59
CA ASP A 300 -12.89 8.48 -24.01
C ASP A 300 -14.18 7.95 -24.58
N LEU A 301 -14.22 7.86 -25.91
CA LEU A 301 -15.37 7.27 -26.58
C LEU A 301 -14.90 5.98 -27.25
N GLY A 302 -14.16 5.17 -26.51
CA GLY A 302 -13.54 4.04 -27.12
C GLY A 302 -14.45 2.84 -27.09
N GLY A 303 -15.75 3.05 -26.83
CA GLY A 303 -16.72 1.97 -26.94
C GLY A 303 -17.07 1.27 -25.66
N GLY A 304 -16.29 1.51 -24.60
CA GLY A 304 -16.62 0.96 -23.31
C GLY A 304 -16.36 -0.52 -23.11
N VAL A 305 -16.82 -1.00 -21.96
CA VAL A 305 -16.50 -2.31 -21.43
C VAL A 305 -17.70 -2.77 -20.61
N PRO A 306 -18.17 -4.00 -20.84
CA PRO A 306 -19.35 -4.40 -20.05
C PRO A 306 -18.99 -4.39 -18.56
N LEU A 307 -19.96 -4.05 -17.72
CA LEU A 307 -19.79 -4.05 -16.27
C LEU A 307 -19.10 -5.34 -15.72
N ARG A 308 -19.58 -6.50 -16.15
CA ARG A 308 -19.06 -7.81 -15.72
C ARG A 308 -17.54 -7.86 -15.82
N LYS A 309 -16.92 -7.09 -16.70
CA LYS A 309 -15.50 -7.18 -16.89
C LYS A 309 -14.76 -6.07 -16.18
N ILE A 310 -15.47 -5.09 -15.62
CA ILE A 310 -14.78 -3.98 -14.99
C ILE A 310 -13.87 -4.47 -13.90
N ASP A 311 -14.36 -5.29 -12.96
CA ASP A 311 -13.48 -5.68 -11.85
C ASP A 311 -12.26 -6.51 -12.23
N ARG A 312 -12.39 -7.37 -13.25
CA ARG A 312 -11.24 -8.14 -13.76
C ARG A 312 -10.12 -7.26 -14.28
N LEU A 313 -10.44 -6.06 -14.77
CA LEU A 313 -9.39 -5.18 -15.25
C LEU A 313 -8.35 -4.90 -14.18
N PHE A 314 -8.68 -5.06 -12.90
CA PHE A 314 -7.72 -4.87 -11.81
C PHE A 314 -7.05 -6.14 -11.29
N ASN A 315 -7.42 -7.28 -11.86
CA ASN A 315 -6.77 -8.56 -11.57
C ASN A 315 -5.44 -8.60 -12.29
N TYR A 316 -4.44 -9.14 -11.62
CA TYR A 316 -3.16 -9.24 -12.24
C TYR A 316 -3.17 -10.44 -13.19
N MET A 317 -3.77 -11.56 -12.75
CA MET A 317 -3.66 -12.86 -13.47
C MET A 317 -4.79 -13.27 -14.46
N TYR A 318 -5.95 -12.63 -14.39
CA TYR A 318 -6.81 -12.56 -15.55
C TYR A 318 -6.01 -11.78 -16.63
N SER A 319 -5.45 -10.64 -16.19
CA SER A 319 -4.74 -9.67 -17.04
C SER A 319 -5.74 -8.86 -17.88
N PRO A 333 -0.21 -5.37 -28.30
CA PRO A 333 0.69 -4.26 -28.62
C PRO A 333 0.49 -3.06 -27.67
N LEU A 334 1.60 -2.55 -27.12
CA LEU A 334 1.65 -1.49 -26.08
C LEU A 334 1.54 -2.06 -24.67
N PHE A 337 1.42 -7.13 -20.86
CA PHE A 337 1.53 -7.40 -19.41
C PHE A 337 0.36 -6.67 -18.81
N GLY A 338 -0.50 -7.36 -18.07
CA GLY A 338 -1.73 -6.65 -17.68
C GLY A 338 -1.61 -5.91 -16.35
N TYR A 339 -0.57 -5.12 -16.16
CA TYR A 339 -0.27 -4.59 -14.80
C TYR A 339 -0.54 -3.11 -14.66
N GLY A 340 -0.74 -2.43 -15.79
CA GLY A 340 -0.89 -1.01 -15.78
C GLY A 340 -2.01 -0.49 -14.90
N LEU A 341 -3.16 -1.13 -14.97
CA LEU A 341 -4.30 -0.63 -14.23
C LEU A 341 -4.21 -0.94 -12.70
N PRO A 342 -3.91 -2.19 -12.31
CA PRO A 342 -3.70 -2.43 -10.85
C PRO A 342 -2.56 -1.62 -10.21
N ILE A 343 -1.38 -1.57 -10.84
CA ILE A 343 -0.29 -0.74 -10.33
C ILE A 343 -0.68 0.74 -10.24
N SER A 344 -1.36 1.26 -11.24
CA SER A 344 -1.77 2.66 -11.20
C SER A 344 -2.67 2.94 -10.03
N ARG A 345 -3.56 2.03 -9.77
CA ARG A 345 -4.49 2.22 -8.71
C ARG A 345 -3.72 2.07 -7.38
N LEU A 346 -2.65 1.27 -7.34
CA LEU A 346 -1.88 1.20 -6.10
C LEU A 346 -1.21 2.56 -5.83
N TYR A 347 -0.72 3.24 -6.87
CA TYR A 347 -0.12 4.55 -6.68
C TYR A 347 -1.16 5.53 -6.13
N ALA A 348 -2.36 5.51 -6.67
CA ALA A 348 -3.40 6.39 -6.18
C ALA A 348 -3.74 6.09 -4.71
N ARG A 349 -3.90 4.82 -4.35
CA ARG A 349 -4.37 4.51 -3.00
C ARG A 349 -3.27 4.79 -2.00
N TYR A 350 -2.02 4.89 -2.47
CA TYR A 350 -0.85 4.90 -1.59
C TYR A 350 -0.77 6.16 -0.68
N PHE A 351 -1.25 7.30 -1.19
CA PHE A 351 -1.39 8.49 -0.39
C PHE A 351 -2.84 8.87 -0.05
N GLN A 352 -3.64 7.84 0.21
CA GLN A 352 -5.07 7.94 0.57
C GLN A 352 -5.96 8.39 -0.64
N GLY A 353 -5.50 8.26 -1.87
CA GLY A 353 -6.39 8.55 -3.03
C GLY A 353 -7.02 7.26 -3.54
N ASP A 354 -7.50 7.27 -4.79
CA ASP A 354 -8.10 6.06 -5.34
C ASP A 354 -8.15 6.19 -6.84
N LEU A 355 -8.46 5.10 -7.54
CA LEU A 355 -8.53 5.17 -8.97
C LEU A 355 -9.73 4.35 -9.33
N LYS A 356 -10.69 4.94 -10.04
CA LYS A 356 -11.93 4.26 -10.36
C LYS A 356 -12.27 4.35 -11.82
N LEU A 357 -12.93 3.31 -12.32
CA LEU A 357 -13.29 3.22 -13.73
C LEU A 357 -14.77 2.99 -13.82
N TYR A 358 -15.40 3.68 -14.77
N TYR A 358 -15.40 3.66 -14.77
CA TYR A 358 -16.85 3.56 -15.02
CA TYR A 358 -16.75 3.26 -15.08
C TYR A 358 -17.12 3.58 -16.54
C TYR A 358 -17.06 3.51 -16.53
N SER A 359 -17.84 2.59 -17.08
CA SER A 359 -18.07 2.54 -18.49
C SER A 359 -19.52 2.55 -18.81
N MET A 360 -19.82 2.98 -20.04
CA MET A 360 -21.12 2.75 -20.65
C MET A 360 -20.82 1.95 -21.88
N GLU A 361 -21.18 0.68 -21.82
CA GLU A 361 -20.85 -0.23 -22.85
C GLU A 361 -21.58 0.20 -24.12
N GLY A 362 -20.81 0.46 -25.17
CA GLY A 362 -21.33 0.91 -26.46
C GLY A 362 -20.86 2.31 -26.81
N VAL A 363 -20.41 3.05 -25.80
CA VAL A 363 -19.98 4.41 -26.00
C VAL A 363 -18.57 4.65 -25.52
N GLY A 364 -18.26 4.42 -24.24
CA GLY A 364 -16.98 4.91 -23.70
C GLY A 364 -16.77 4.67 -22.22
N THR A 365 -15.69 5.25 -21.69
CA THR A 365 -15.26 4.97 -20.35
C THR A 365 -14.71 6.25 -19.69
N ASP A 366 -15.03 6.44 -18.41
CA ASP A 366 -14.42 7.46 -17.57
C ASP A 366 -13.47 6.79 -16.60
N ALA A 367 -12.28 7.33 -16.47
CA ALA A 367 -11.34 6.81 -15.48
C ALA A 367 -11.05 8.03 -14.57
N VAL A 368 -11.20 7.86 -13.26
CA VAL A 368 -11.02 8.98 -12.37
C VAL A 368 -9.93 8.68 -11.33
N ILE A 369 -8.89 9.51 -11.30
CA ILE A 369 -7.90 9.51 -10.23
C ILE A 369 -8.35 10.50 -9.14
N TYR A 370 -8.47 10.03 -7.92
CA TYR A 370 -8.76 10.91 -6.79
C TYR A 370 -7.49 11.03 -5.97
N LEU A 371 -7.02 12.27 -5.74
CA LEU A 371 -5.96 12.51 -4.74
C LEU A 371 -6.51 13.41 -3.64
N LYS A 372 -5.86 13.36 -2.47
CA LYS A 372 -6.11 14.31 -1.42
C LYS A 372 -5.63 15.67 -1.83
N ALA A 373 -6.48 16.67 -1.63
CA ALA A 373 -6.13 18.06 -1.88
C ALA A 373 -5.08 18.54 -0.88
N LEU A 374 -5.10 18.01 0.34
CA LEU A 374 -4.25 18.51 1.45
C LEU A 374 -3.12 17.57 1.77
N SER A 375 -1.90 18.06 1.75
CA SER A 375 -0.77 17.20 2.08
C SER A 375 -0.85 16.65 3.52
N SER A 376 -1.52 17.36 4.41
CA SER A 376 -1.61 16.90 5.79
C SER A 376 -2.50 15.67 5.90
N GLU A 377 -3.32 15.43 4.88
CA GLU A 377 -4.20 14.27 4.87
C GLU A 377 -3.65 13.17 3.93
N SER A 378 -2.47 13.37 3.35
CA SER A 378 -1.94 12.37 2.43
C SER A 378 -0.92 11.45 3.12
N PHE A 379 -1.43 10.54 3.95
CA PHE A 379 -0.61 9.56 4.66
C PHE A 379 -0.36 8.34 3.77
N GLU A 380 0.86 7.81 3.81
CA GLU A 380 1.12 6.46 3.29
C GLU A 380 0.09 5.46 3.80
N ARG A 381 -0.30 4.54 2.94
CA ARG A 381 -1.18 3.46 3.33
C ARG A 381 -0.38 2.19 3.08
N LEU A 382 0.03 1.52 4.17
CA LEU A 382 1.03 0.46 4.15
C LEU A 382 0.43 -0.85 4.62
N PRO A 383 0.87 -1.96 4.01
CA PRO A 383 0.32 -3.23 4.46
C PRO A 383 0.96 -3.63 5.78
N VAL A 384 0.15 -3.97 6.76
CA VAL A 384 0.67 -4.40 8.03
C VAL A 384 0.47 -5.94 8.13
N PHE A 385 1.54 -6.66 8.44
CA PHE A 385 1.40 -8.07 8.72
C PHE A 385 0.91 -8.27 10.19
N ASN A 386 -0.23 -8.93 10.39
CA ASN A 386 -0.76 -9.27 11.70
C ASN A 386 -1.65 -10.49 11.52
N LYS A 387 -2.39 -10.90 12.54
CA LYS A 387 -3.42 -11.94 12.33
C LYS A 387 -4.47 -11.66 11.24
N SER A 388 -4.95 -10.41 11.11
CA SER A 388 -5.91 -10.10 10.03
C SER A 388 -5.36 -10.49 8.65
N ALA A 389 -4.12 -10.07 8.39
CA ALA A 389 -3.45 -10.41 7.16
C ALA A 389 -3.28 -11.93 7.02
N TRP A 390 -2.77 -12.58 8.07
CA TRP A 390 -2.57 -14.04 8.05
C TRP A 390 -3.86 -14.76 7.69
N ARG A 391 -4.98 -14.33 8.26
CA ARG A 391 -6.26 -14.96 7.98
C ARG A 391 -6.60 -14.98 6.49
N HIS A 392 -6.27 -13.89 5.79
CA HIS A 392 -6.48 -13.80 4.35
C HIS A 392 -5.72 -14.87 3.60
N TYR A 393 -4.53 -15.24 4.05
CA TYR A 393 -3.80 -16.32 3.39
C TYR A 393 -4.32 -17.69 3.80
N LYS A 394 -4.94 -17.78 4.97
CA LYS A 394 -5.35 -19.08 5.50
C LYS A 394 -6.81 -19.42 5.25
N THR A 395 -7.51 -18.66 4.42
CA THR A 395 -8.93 -18.90 4.25
C THR A 395 -9.22 -19.83 3.09
N THR A 396 -10.02 -20.83 3.39
CA THR A 396 -10.49 -21.83 2.45
C THR A 396 -11.81 -21.32 1.88
N PRO A 397 -12.20 -21.77 0.68
CA PRO A 397 -13.47 -21.36 0.09
C PRO A 397 -14.65 -21.59 1.01
N GLU A 398 -15.60 -20.68 0.95
CA GLU A 398 -16.82 -20.75 1.71
C GLU A 398 -17.98 -20.76 0.72
N ALA A 399 -19.15 -21.19 1.20
CA ALA A 399 -20.35 -21.16 0.39
C ALA A 399 -20.70 -19.70 0.07
N ASP A 400 -21.26 -19.48 -1.10
CA ASP A 400 -21.74 -18.17 -1.42
C ASP A 400 -22.96 -17.87 -0.50
N ASP A 401 -22.79 -16.77 0.20
CA ASP A 401 -23.67 -15.80 0.85
C ASP A 401 -25.01 -15.46 0.15
N TRP A 402 -24.95 -15.46 -1.19
CA TRP A 402 -26.02 -15.02 -2.05
C TRP A 402 -26.22 -16.15 -3.02
N SER A 403 -27.41 -16.22 -3.61
CA SER A 403 -27.84 -17.33 -4.46
C SER A 403 -27.05 -17.34 -5.76
N ASN A 404 -27.00 -18.50 -6.40
CA ASN A 404 -26.49 -18.66 -7.78
C ASN A 404 -27.48 -19.54 -8.54
N PRO A 405 -27.84 -19.15 -9.77
CA PRO A 405 -28.71 -19.95 -10.62
C PRO A 405 -28.02 -21.22 -11.11
N SER A 406 -28.83 -22.19 -11.52
CA SER A 406 -28.37 -23.34 -12.30
C SER A 406 -27.77 -22.88 -13.61
N SER A 407 -26.78 -23.61 -14.13
CA SER A 407 -26.23 -23.28 -15.45
C SER A 407 -27.18 -23.74 -16.57
N GLU A 408 -28.12 -24.62 -16.21
CA GLU A 408 -29.18 -25.06 -17.10
C GLU A 408 -30.51 -24.87 -16.37
N PRO A 409 -31.02 -23.63 -16.31
CA PRO A 409 -32.24 -23.43 -15.49
C PRO A 409 -33.47 -24.05 -16.15
N ARG A 410 -34.43 -24.51 -15.33
CA ARG A 410 -35.67 -25.09 -15.84
C ARG A 410 -36.40 -24.21 -16.86
N ASP A 411 -36.86 -24.82 -17.95
CA ASP A 411 -37.62 -24.10 -18.98
C ASP A 411 -39.03 -23.84 -18.47
N ALA A 412 -39.33 -22.59 -18.14
CA ALA A 412 -40.64 -22.22 -17.58
C ALA A 412 -41.77 -22.23 -18.62
N SER A 413 -41.42 -22.32 -19.91
CA SER A 413 -42.38 -22.34 -21.02
C SER A 413 -43.28 -23.56 -21.01
N LYS A 414 -42.70 -24.72 -20.72
CA LYS A 414 -43.44 -25.98 -20.63
C LYS A 414 -43.12 -26.73 -19.33
N SER B 23 -4.21 -18.30 46.88
CA SER B 23 -4.33 -16.81 46.72
C SER B 23 -5.26 -16.45 45.51
N TYR B 24 -4.69 -16.13 44.34
CA TYR B 24 -5.50 -15.95 43.14
C TYR B 24 -5.38 -17.20 42.25
N PRO B 25 -6.44 -17.51 41.48
CA PRO B 25 -6.35 -18.59 40.44
C PRO B 25 -5.30 -18.22 39.36
N PRO B 26 -4.78 -19.26 38.63
CA PRO B 26 -3.73 -19.03 37.61
C PRO B 26 -4.14 -17.95 36.61
N HIS B 27 -3.27 -16.96 36.45
CA HIS B 27 -3.54 -15.85 35.58
C HIS B 27 -2.26 -15.35 34.91
N MET B 28 -2.42 -14.35 34.05
CA MET B 28 -1.34 -13.85 33.23
C MET B 28 -1.56 -12.35 33.01
N GLN B 29 -0.50 -11.56 33.12
CA GLN B 29 -0.59 -10.12 32.88
C GLN B 29 -0.20 -9.84 31.44
N VAL B 30 -0.98 -8.99 30.77
CA VAL B 30 -0.60 -8.56 29.45
C VAL B 30 0.15 -7.23 29.55
N LEU B 31 1.45 -7.28 29.29
CA LEU B 31 2.27 -6.08 29.33
C LEU B 31 2.31 -5.34 27.98
N LEU B 32 2.37 -4.01 28.03
CA LEU B 32 2.47 -3.21 26.80
C LEU B 32 3.85 -3.37 26.15
N PRO B 33 3.91 -3.99 24.96
CA PRO B 33 5.22 -4.16 24.31
C PRO B 33 5.62 -2.89 23.54
N ALA B 34 6.89 -2.82 23.12
CA ALA B 34 7.27 -1.91 22.05
C ALA B 34 6.63 -2.46 20.75
N LEU B 35 5.65 -1.78 20.22
CA LEU B 35 4.87 -2.31 19.09
C LEU B 35 5.41 -1.80 17.76
N SER B 36 6.46 -1.02 17.86
CA SER B 36 7.13 -0.42 16.76
C SER B 36 8.53 -0.24 17.30
N PRO B 37 9.55 -0.13 16.44
CA PRO B 37 10.90 -0.20 17.03
C PRO B 37 11.36 1.01 17.89
N THR B 38 10.63 2.12 17.81
CA THR B 38 11.08 3.38 18.43
C THR B 38 10.16 3.69 19.60
N MET B 39 9.08 2.92 19.72
CA MET B 39 8.07 3.16 20.73
C MET B 39 8.55 3.02 22.17
N THR B 40 8.35 4.06 22.97
CA THR B 40 8.69 4.02 24.41
C THR B 40 7.44 4.05 25.31
N MET B 41 6.30 4.40 24.73
CA MET B 41 5.06 4.55 25.47
C MET B 41 3.91 4.58 24.49
N GLY B 42 2.71 4.38 24.98
CA GLY B 42 1.54 4.38 24.11
C GLY B 42 0.33 4.82 24.89
N THR B 43 -0.65 5.34 24.15
CA THR B 43 -1.97 5.70 24.66
C THR B 43 -2.94 4.55 24.41
N VAL B 44 -3.68 4.16 25.44
CA VAL B 44 -4.72 3.15 25.28
C VAL B 44 -5.95 3.89 24.80
N GLN B 45 -6.19 3.80 23.50
CA GLN B 45 -7.23 4.61 22.91
C GLN B 45 -8.61 3.97 23.11
N ARG B 46 -8.66 2.64 22.97
CA ARG B 46 -9.91 1.90 22.95
C ARG B 46 -9.70 0.42 23.29
N TRP B 47 -10.52 -0.10 24.19
CA TRP B 47 -10.55 -1.53 24.43
C TRP B 47 -11.51 -2.19 23.44
N GLU B 48 -11.09 -3.31 22.86
CA GLU B 48 -11.96 -4.01 21.90
C GLU B 48 -12.48 -5.34 22.44
N LYS B 49 -12.28 -5.56 23.73
CA LYS B 49 -12.78 -6.73 24.42
C LYS B 49 -13.36 -6.28 25.74
N LYS B 50 -14.39 -6.99 26.22
CA LYS B 50 -15.03 -6.70 27.49
C LYS B 50 -14.56 -7.71 28.55
N VAL B 51 -14.53 -7.28 29.81
CA VAL B 51 -14.31 -8.19 30.91
C VAL B 51 -15.39 -9.27 30.82
N GLY B 52 -14.97 -10.53 30.82
CA GLY B 52 -15.88 -11.65 30.67
C GLY B 52 -15.71 -12.38 29.34
N GLU B 53 -15.27 -11.66 28.30
CA GLU B 53 -15.23 -12.22 26.95
C GLU B 53 -14.08 -13.19 26.72
N LYS B 54 -14.37 -14.24 25.95
CA LYS B 54 -13.36 -15.18 25.53
C LYS B 54 -12.34 -14.48 24.61
N LEU B 55 -11.06 -14.82 24.79
CA LEU B 55 -9.97 -14.33 23.95
C LEU B 55 -9.34 -15.48 23.18
N SER B 56 -9.38 -15.39 21.85
CA SER B 56 -8.59 -16.27 20.97
C SER B 56 -7.32 -15.59 20.53
N GLU B 57 -6.29 -16.39 20.30
CA GLU B 57 -5.04 -15.91 19.76
C GLU B 57 -5.29 -15.11 18.47
N GLY B 58 -4.83 -13.86 18.47
CA GLY B 58 -4.96 -12.98 17.31
C GLY B 58 -6.21 -12.11 17.29
N ASP B 59 -7.05 -12.19 18.31
CA ASP B 59 -8.18 -11.26 18.38
C ASP B 59 -7.62 -9.86 18.63
N LEU B 60 -8.40 -8.87 18.20
CA LEU B 60 -8.08 -7.47 18.45
C LEU B 60 -8.37 -7.16 19.92
N LEU B 61 -7.38 -6.65 20.63
CA LEU B 61 -7.53 -6.40 22.06
C LEU B 61 -7.73 -4.90 22.39
N ALA B 62 -6.89 -4.05 21.81
CA ALA B 62 -6.95 -2.60 21.99
C ALA B 62 -6.37 -1.80 20.80
N GLU B 63 -6.83 -0.58 20.59
CA GLU B 63 -6.06 0.36 19.78
C GLU B 63 -5.06 1.10 20.66
N ILE B 64 -3.81 1.09 20.23
CA ILE B 64 -2.75 1.77 20.93
C ILE B 64 -2.26 2.85 20.04
N GLU B 65 -2.27 4.08 20.55
CA GLU B 65 -1.82 5.18 19.72
C GLU B 65 -0.44 5.67 20.13
N THR B 66 0.45 5.80 19.16
CA THR B 66 1.68 6.51 19.37
C THR B 66 1.68 7.78 18.54
N ASP B 67 2.67 8.58 18.78
CA ASP B 67 3.34 9.50 17.87
C ASP B 67 3.40 9.11 16.38
N LYS B 68 3.47 7.81 16.10
CA LYS B 68 3.82 7.34 14.77
C LYS B 68 2.69 6.60 14.08
N ALA B 69 1.75 6.08 14.86
CA ALA B 69 0.72 5.23 14.28
C ALA B 69 -0.41 4.94 15.26
N THR B 70 -1.56 4.50 14.74
CA THR B 70 -2.59 3.90 15.58
C THR B 70 -2.52 2.42 15.28
N ILE B 71 -2.21 1.63 16.30
CA ILE B 71 -1.88 0.20 16.11
C ILE B 71 -2.95 -0.73 16.69
N GLY B 72 -3.41 -1.67 15.88
CA GLY B 72 -4.30 -2.72 16.39
C GLY B 72 -3.46 -3.71 17.21
N PHE B 73 -3.59 -3.69 18.52
CA PHE B 73 -2.87 -4.62 19.41
C PHE B 73 -3.63 -5.93 19.54
N GLU B 74 -2.98 -7.03 19.15
CA GLU B 74 -3.62 -8.37 19.16
C GLU B 74 -3.36 -9.19 20.43
N VAL B 75 -4.38 -9.93 20.87
CA VAL B 75 -4.24 -10.97 21.91
C VAL B 75 -3.22 -11.99 21.47
N GLN B 76 -2.21 -12.23 22.29
CA GLN B 76 -1.21 -13.28 22.01
C GLN B 76 -1.42 -14.66 22.70
N GLU B 77 -2.31 -14.73 23.67
CA GLU B 77 -2.59 -16.02 24.33
C GLU B 77 -4.07 -16.14 24.65
N GLU B 78 -4.62 -17.33 24.51
CA GLU B 78 -6.05 -17.45 24.67
C GLU B 78 -6.50 -17.56 26.11
N GLY B 79 -7.78 -17.26 26.34
CA GLY B 79 -8.38 -17.32 27.66
C GLY B 79 -9.64 -16.49 27.78
N TYR B 80 -9.67 -15.66 28.83
CA TYR B 80 -10.82 -14.81 29.15
C TYR B 80 -10.29 -13.54 29.75
N LEU B 81 -10.91 -12.40 29.41
CA LEU B 81 -10.53 -11.12 30.00
C LEU B 81 -11.01 -11.06 31.44
N ALA B 82 -10.08 -11.11 32.38
CA ALA B 82 -10.41 -11.14 33.81
C ALA B 82 -10.59 -9.75 34.38
N LYS B 83 -9.69 -8.84 34.00
CA LYS B 83 -9.72 -7.47 34.50
C LYS B 83 -8.93 -6.53 33.60
N ILE B 84 -9.42 -5.31 33.48
CA ILE B 84 -8.74 -4.24 32.76
C ILE B 84 -7.97 -3.37 33.76
N LEU B 85 -6.64 -3.19 33.45
CA LEU B 85 -5.80 -2.49 34.43
C LEU B 85 -5.67 -1.01 34.06
N VAL B 86 -5.62 -0.77 32.76
CA VAL B 86 -5.43 0.57 32.27
C VAL B 86 -6.70 0.94 31.51
N PRO B 87 -7.46 1.94 32.03
CA PRO B 87 -8.72 2.35 31.40
C PRO B 87 -8.50 3.04 30.05
N GLU B 88 -9.54 3.00 29.23
CA GLU B 88 -9.60 3.68 27.93
C GLU B 88 -9.27 5.16 28.09
N GLY B 89 -8.30 5.66 27.34
CA GLY B 89 -8.01 7.09 27.40
C GLY B 89 -6.76 7.49 28.18
N THR B 90 -6.09 6.48 28.78
CA THR B 90 -4.83 6.71 29.47
C THR B 90 -3.70 6.99 28.48
N ARG B 91 -3.15 8.20 28.53
CA ARG B 91 -2.04 8.61 27.66
C ARG B 91 -0.70 8.16 28.23
N ASP B 92 0.30 8.01 27.35
CA ASP B 92 1.71 7.87 27.76
C ASP B 92 2.04 6.73 28.74
N VAL B 93 1.26 5.65 28.67
CA VAL B 93 1.54 4.41 29.40
C VAL B 93 2.89 3.85 28.96
N PRO B 94 3.83 3.70 29.91
CA PRO B 94 5.14 3.16 29.49
C PRO B 94 5.13 1.71 28.98
N LEU B 95 6.18 1.35 28.25
CA LEU B 95 6.48 -0.06 27.92
C LEU B 95 6.55 -0.88 29.21
N GLY B 96 5.94 -2.07 29.18
CA GLY B 96 6.03 -2.95 30.36
C GLY B 96 4.87 -2.88 31.37
N THR B 97 4.11 -1.78 31.37
CA THR B 97 2.98 -1.65 32.29
C THR B 97 1.93 -2.77 32.01
N PRO B 98 1.47 -3.45 33.08
CA PRO B 98 0.38 -4.41 32.93
C PRO B 98 -0.85 -3.68 32.43
N LEU B 99 -1.47 -4.21 31.37
CA LEU B 99 -2.59 -3.57 30.74
C LEU B 99 -3.89 -4.23 31.12
N CYS B 100 -3.82 -5.53 31.44
CA CYS B 100 -5.00 -6.34 31.78
C CYS B 100 -4.60 -7.75 32.29
N ILE B 101 -5.59 -8.48 32.95
CA ILE B 101 -5.32 -9.80 33.52
C ILE B 101 -6.15 -10.84 32.78
N ILE B 102 -5.49 -11.91 32.36
CA ILE B 102 -6.15 -12.96 31.58
C ILE B 102 -6.13 -14.26 32.36
N VAL B 103 -7.23 -15.02 32.27
CA VAL B 103 -7.32 -16.28 32.99
C VAL B 103 -7.62 -17.38 31.99
N GLU B 104 -7.37 -18.62 32.39
CA GLU B 104 -7.61 -19.78 31.57
C GLU B 104 -9.11 -20.08 31.42
N LYS B 105 -9.82 -20.27 32.53
CA LYS B 105 -11.25 -20.63 32.48
C LYS B 105 -12.14 -19.49 33.01
N GLU B 106 -13.36 -19.41 32.49
CA GLU B 106 -14.26 -18.31 32.86
C GLU B 106 -14.74 -18.38 34.30
N ALA B 107 -14.77 -19.60 34.85
CA ALA B 107 -15.08 -19.83 36.27
C ALA B 107 -14.23 -18.96 37.22
N ASP B 108 -13.03 -18.57 36.76
CA ASP B 108 -12.06 -17.85 37.59
C ASP B 108 -12.19 -16.30 37.63
N ILE B 109 -12.97 -15.77 36.66
CA ILE B 109 -13.05 -14.30 36.47
C ILE B 109 -13.42 -13.51 37.75
N SER B 110 -14.50 -13.97 38.43
CA SER B 110 -14.98 -13.25 39.65
C SER B 110 -13.95 -13.00 40.79
N ALA B 111 -13.07 -13.99 40.97
CA ALA B 111 -11.88 -13.76 41.89
C ALA B 111 -11.19 -12.33 41.72
N PHE B 112 -11.10 -11.90 40.12
CA PHE B 112 -10.31 -10.66 39.87
C PHE B 112 -11.03 -9.30 40.03
N ALA B 113 -12.31 -9.30 40.40
CA ALA B 113 -12.99 -8.05 40.73
C ALA B 113 -12.50 -7.57 42.11
N ASP B 114 -11.19 -7.75 42.34
CA ASP B 114 -10.53 -7.52 43.63
C ASP B 114 -9.20 -6.75 43.56
N TYR B 115 -8.75 -6.36 42.35
CA TYR B 115 -7.59 -5.48 42.22
C TYR B 115 -8.01 -4.02 42.43
N THR B 121 2.14 -20.96 40.19
CA THR B 121 2.48 -21.28 38.80
C THR B 121 1.97 -22.68 38.38
N ASP B 122 0.65 -22.82 38.38
CA ASP B 122 0.00 -23.94 37.69
C ASP B 122 -0.48 -23.46 36.30
N LEU B 123 -0.03 -22.26 35.93
CA LEU B 123 -0.20 -21.69 34.57
C LEU B 123 0.57 -22.50 33.52
N LYS B 124 1.31 -23.51 33.99
CA LYS B 124 2.06 -24.49 33.18
C LYS B 124 1.31 -25.00 31.94
#